data_3G3S
#
_entry.id   3G3S
#
_cell.length_a   71.395
_cell.length_b   83.880
_cell.length_c   93.763
_cell.angle_alpha   90.000
_cell.angle_beta   90.000
_cell.angle_gamma   90.000
#
_symmetry.space_group_name_H-M   'P 21 21 21'
#
loop_
_entity.id
_entity.type
_entity.pdbx_description
1 polymer 'GCN5-related N-acetyltransferase'
2 non-polymer 'SODIUM ION'
3 non-polymer 'CACODYLATE ION'
4 non-polymer 1,2-ETHANEDIOL
5 water water
#
_entity_poly.entity_id   1
_entity_poly.type   'polypeptide(L)'
_entity_poly.pdbx_seq_one_letter_code
;G(MSE)AEQ(MSE)RRVARLFGDWPETIIWTCLEGT(MSE)GDIYVDDSQSPQSALALYGRQSFFGFLAGQPHRDLLKIC
EGKNIILVPQNQAWSDLIEEVYGDGVRFFTRYATKKDTEFDLGHLQKLVDDLPESFD(MSE)KLIDRNLYETCLVEEWSR
DLVGNYIDVEQFLDLGLGCVILHKGQVVSGASSYASYSAGIEIEVDTREDYRGLGLAKACAAQLILACLDRGLYPSWDAH
TLTSLKLAEKLGYELDKAYQAYEWR
;
_entity_poly.pdbx_strand_id   A,B
#
# COMPACT_ATOMS: atom_id res chain seq x y z
N GLY A 1 -8.65 3.92 -16.05
CA GLY A 1 -7.19 3.95 -16.29
C GLY A 1 -6.43 2.74 -15.70
N ALA A 3 -4.88 2.30 -12.80
CA ALA A 3 -5.20 1.94 -11.42
C ALA A 3 -6.57 1.27 -11.35
N GLU A 4 -7.51 1.65 -12.21
CA GLU A 4 -8.80 1.00 -12.22
C GLU A 4 -8.62 -0.44 -12.70
N GLN A 5 -7.83 -0.62 -13.74
CA GLN A 5 -7.60 -1.97 -14.26
C GLN A 5 -6.90 -2.84 -13.20
N ARG A 7 -7.31 -2.56 -10.00
CA ARG A 7 -8.35 -2.89 -9.02
C ARG A 7 -9.21 -4.07 -9.49
N ARG A 8 -9.51 -4.09 -10.78
CA ARG A 8 -10.27 -5.19 -11.36
C ARG A 8 -9.49 -6.51 -11.26
N VAL A 9 -8.21 -6.46 -11.58
CA VAL A 9 -7.33 -7.61 -11.50
C VAL A 9 -7.24 -8.10 -10.07
N ALA A 10 -7.16 -7.19 -9.13
CA ALA A 10 -7.06 -7.60 -7.74
C ALA A 10 -8.31 -8.38 -7.34
N ARG A 11 -9.48 -8.01 -7.88
CA ARG A 11 -10.72 -8.70 -7.50
C ARG A 11 -10.75 -10.16 -7.91
N LEU A 12 -10.04 -10.49 -9.00
CA LEU A 12 -9.92 -11.85 -9.45
C LEU A 12 -9.34 -12.79 -8.42
N PHE A 13 -8.40 -12.27 -7.62
CA PHE A 13 -7.72 -13.03 -6.56
C PHE A 13 -8.62 -13.14 -5.34
N GLY A 14 -9.47 -12.14 -5.18
CA GLY A 14 -10.49 -12.15 -4.14
C GLY A 14 -9.85 -12.19 -2.79
N ASP A 15 -10.47 -12.96 -1.90
CA ASP A 15 -10.01 -13.17 -0.55
C ASP A 15 -9.13 -14.43 -0.54
N TRP A 16 -7.83 -14.20 -0.76
CA TRP A 16 -6.85 -15.28 -0.86
C TRP A 16 -5.72 -14.81 0.01
N PRO A 17 -5.66 -15.28 1.27
CA PRO A 17 -4.69 -14.75 2.20
C PRO A 17 -3.24 -15.29 2.09
N GLU A 18 -2.65 -15.22 0.89
CA GLU A 18 -1.26 -15.55 0.71
C GLU A 18 -0.50 -14.24 0.55
N THR A 19 0.48 -13.98 1.43
CA THR A 19 1.09 -12.66 1.46
C THR A 19 1.88 -12.30 0.22
N ILE A 20 2.37 -13.29 -0.53
CA ILE A 20 3.13 -13.01 -1.75
C ILE A 20 2.14 -12.46 -2.79
N ILE A 21 0.90 -12.92 -2.76
CA ILE A 21 -0.09 -12.30 -3.65
C ILE A 21 -0.24 -10.84 -3.20
N TRP A 22 -0.34 -10.61 -1.89
CA TRP A 22 -0.40 -9.23 -1.40
C TRP A 22 0.81 -8.41 -1.85
N THR A 23 2.01 -8.98 -1.76
CA THR A 23 3.21 -8.31 -2.23
C THR A 23 3.02 -7.87 -3.68
N CYS A 24 2.67 -8.83 -4.50
CA CYS A 24 2.49 -8.57 -5.95
C CYS A 24 1.42 -7.51 -6.27
N LEU A 25 0.26 -7.57 -5.60
CA LEU A 25 -0.79 -6.57 -5.78
C LEU A 25 -0.51 -5.17 -5.16
N GLU A 26 0.35 -5.08 -4.12
CA GLU A 26 0.68 -3.77 -3.49
C GLU A 26 1.55 -2.89 -4.36
N GLY A 27 2.39 -3.49 -5.19
CA GLY A 27 3.12 -2.74 -6.21
C GLY A 27 4.61 -2.52 -6.18
N THR A 28 5.25 -2.85 -5.06
CA THR A 28 6.67 -2.60 -4.90
C THR A 28 7.59 -3.70 -5.41
N GLY A 30 7.46 -7.95 -7.11
CA GLY A 30 6.63 -8.93 -7.77
C GLY A 30 5.99 -8.27 -8.97
N ASP A 31 5.12 -8.99 -9.66
CA ASP A 31 4.47 -8.44 -10.83
C ASP A 31 3.18 -9.15 -11.07
N ILE A 32 2.39 -8.57 -11.94
CA ILE A 32 1.07 -9.04 -12.26
C ILE A 32 0.89 -9.11 -13.78
N TYR A 33 0.37 -10.23 -14.25
CA TYR A 33 0.10 -10.45 -15.67
C TYR A 33 -1.35 -10.91 -15.81
N VAL A 34 -1.97 -10.55 -16.93
CA VAL A 34 -3.35 -10.88 -17.12
C VAL A 34 -3.56 -11.30 -18.55
N ASP A 35 -4.69 -11.93 -18.81
CA ASP A 35 -5.02 -12.34 -20.17
C ASP A 35 -5.35 -11.13 -21.04
N ASP A 36 -5.98 -10.10 -20.48
CA ASP A 36 -6.43 -8.98 -21.28
C ASP A 36 -6.44 -7.75 -20.41
N SER A 37 -5.67 -6.74 -20.80
CA SER A 37 -5.57 -5.52 -20.00
C SER A 37 -6.93 -4.89 -19.78
N GLN A 38 -7.72 -4.80 -20.84
CA GLN A 38 -9.04 -4.15 -20.79
C GLN A 38 -10.17 -5.00 -20.18
N SER A 39 -10.10 -6.31 -20.39
CA SER A 39 -11.13 -7.20 -19.93
C SER A 39 -10.49 -8.39 -19.20
N PRO A 40 -9.81 -8.13 -18.08
CA PRO A 40 -9.10 -9.20 -17.38
C PRO A 40 -10.01 -10.23 -16.76
N GLN A 41 -9.84 -11.49 -17.16
CA GLN A 41 -10.61 -12.60 -16.60
C GLN A 41 -9.69 -13.65 -15.92
N SER A 42 -8.40 -13.56 -16.19
CA SER A 42 -7.39 -14.48 -15.72
C SER A 42 -6.18 -13.66 -15.31
N ALA A 43 -5.55 -14.03 -14.20
CA ALA A 43 -4.39 -13.30 -13.74
C ALA A 43 -3.33 -14.21 -13.07
N LEU A 44 -2.12 -13.69 -13.03
CA LEU A 44 -0.94 -14.34 -12.51
C LEU A 44 -0.19 -13.35 -11.64
N ALA A 45 -0.02 -13.70 -10.37
CA ALA A 45 0.85 -12.95 -9.49
C ALA A 45 2.17 -13.74 -9.53
N LEU A 46 3.20 -13.13 -10.08
CA LEU A 46 4.50 -13.78 -10.25
C LEU A 46 5.54 -13.07 -9.43
N TYR A 47 6.17 -13.82 -8.55
CA TYR A 47 7.15 -13.27 -7.63
C TYR A 47 8.35 -14.15 -7.59
N GLY A 48 9.53 -13.53 -7.53
CA GLY A 48 10.77 -14.25 -7.39
C GLY A 48 11.89 -13.71 -8.26
N ARG A 49 13.07 -14.30 -8.09
CA ARG A 49 14.26 -13.92 -8.86
C ARG A 49 15.09 -15.17 -9.18
N GLN A 50 15.36 -15.97 -8.16
CA GLN A 50 16.07 -17.24 -8.30
C GLN A 50 15.07 -18.40 -8.18
N SER A 51 14.22 -18.33 -7.16
CA SER A 51 13.10 -19.26 -7.05
C SER A 51 11.85 -18.37 -7.19
N PHE A 52 10.71 -18.97 -7.54
CA PHE A 52 9.50 -18.23 -7.83
C PHE A 52 8.24 -18.89 -7.34
N PHE A 53 7.22 -18.05 -7.20
CA PHE A 53 5.85 -18.44 -7.04
C PHE A 53 5.05 -17.84 -8.15
N GLY A 54 4.07 -18.59 -8.60
CA GLY A 54 3.12 -18.17 -9.62
C GLY A 54 1.74 -18.49 -9.06
N PHE A 55 1.03 -17.47 -8.57
CA PHE A 55 -0.33 -17.66 -8.09
C PHE A 55 -1.27 -17.34 -9.20
N LEU A 56 -2.11 -18.31 -9.53
CA LEU A 56 -2.98 -18.22 -10.71
C LEU A 56 -4.46 -18.04 -10.38
N ALA A 57 -5.04 -16.91 -10.75
CA ALA A 57 -6.45 -16.61 -10.42
C ALA A 57 -7.38 -16.39 -11.64
N GLY A 58 -8.68 -16.55 -11.38
CA GLY A 58 -9.68 -16.36 -12.43
C GLY A 58 -9.88 -17.58 -13.31
N GLN A 59 -10.32 -17.36 -14.55
CA GLN A 59 -10.50 -18.44 -15.47
C GLN A 59 -9.12 -18.96 -15.85
N PRO A 60 -9.01 -20.29 -16.01
CA PRO A 60 -7.74 -20.90 -16.45
C PRO A 60 -7.42 -20.38 -17.81
N HIS A 61 -6.13 -20.10 -18.02
CA HIS A 61 -5.64 -19.53 -19.25
C HIS A 61 -4.22 -20.03 -19.54
N ARG A 62 -4.02 -20.69 -20.68
CA ARG A 62 -2.73 -21.31 -20.94
C ARG A 62 -1.61 -20.32 -21.19
N ASP A 63 -1.91 -19.10 -21.66
CA ASP A 63 -0.83 -18.15 -21.86
C ASP A 63 -0.16 -17.70 -20.56
N LEU A 64 -0.92 -17.65 -19.46
CA LEU A 64 -0.33 -17.29 -18.19
C LEU A 64 0.63 -18.40 -17.68
N LEU A 65 0.26 -19.65 -17.90
CA LEU A 65 1.11 -20.81 -17.57
C LEU A 65 2.42 -20.73 -18.34
N LYS A 66 2.34 -20.28 -19.59
CA LYS A 66 3.57 -20.17 -20.39
C LYS A 66 4.60 -19.23 -19.80
N ILE A 67 4.13 -18.15 -19.18
CA ILE A 67 4.99 -17.18 -18.54
C ILE A 67 5.77 -17.84 -17.41
N CYS A 68 5.20 -18.87 -16.80
CA CYS A 68 5.85 -19.59 -15.73
C CYS A 68 6.85 -20.63 -16.16
N GLU A 69 6.85 -20.97 -17.45
CA GLU A 69 7.71 -22.05 -17.95
C GLU A 69 9.17 -21.67 -17.89
N GLY A 70 10.02 -22.66 -17.64
CA GLY A 70 11.45 -22.44 -17.58
C GLY A 70 11.95 -21.69 -16.35
N LYS A 71 11.15 -21.69 -15.29
CA LYS A 71 11.52 -21.05 -14.03
C LYS A 71 11.49 -22.03 -12.89
N ASN A 72 12.34 -21.81 -11.89
CA ASN A 72 12.34 -22.61 -10.69
C ASN A 72 11.13 -22.12 -9.87
N ILE A 73 9.95 -22.62 -10.21
CA ILE A 73 8.66 -22.06 -9.73
C ILE A 73 7.69 -23.01 -9.08
N ILE A 74 7.00 -22.51 -8.04
CA ILE A 74 5.87 -23.21 -7.45
C ILE A 74 4.60 -22.55 -8.03
N LEU A 75 3.80 -23.33 -8.78
N LEU A 75 3.79 -23.32 -8.75
CA LEU A 75 2.53 -22.88 -9.34
CA LEU A 75 2.56 -22.84 -9.34
C LEU A 75 1.43 -23.15 -8.32
C LEU A 75 1.43 -23.14 -8.36
N VAL A 76 0.65 -22.13 -8.01
CA VAL A 76 -0.43 -22.28 -7.05
C VAL A 76 -1.77 -21.92 -7.70
N PRO A 77 -2.57 -22.94 -8.06
CA PRO A 77 -3.87 -22.70 -8.65
C PRO A 77 -4.93 -22.20 -7.65
N GLN A 78 -5.67 -21.17 -8.04
CA GLN A 78 -6.71 -20.65 -7.19
C GLN A 78 -7.80 -21.69 -7.03
N ASN A 79 -8.02 -22.45 -8.09
CA ASN A 79 -9.12 -23.41 -8.14
C ASN A 79 -8.81 -24.66 -8.95
N GLN A 80 -9.72 -25.62 -8.88
CA GLN A 80 -9.52 -26.91 -9.53
C GLN A 80 -9.52 -26.79 -11.05
N ALA A 81 -10.14 -25.75 -11.58
CA ALA A 81 -10.18 -25.53 -13.04
C ALA A 81 -8.76 -25.24 -13.55
N TRP A 82 -8.03 -24.45 -12.77
CA TRP A 82 -6.63 -24.22 -13.07
C TRP A 82 -5.80 -25.51 -12.94
N SER A 83 -6.01 -26.30 -11.88
CA SER A 83 -5.27 -27.55 -11.73
C SER A 83 -5.47 -28.49 -12.91
N ASP A 84 -6.70 -28.56 -13.39
CA ASP A 84 -7.07 -29.43 -14.48
C ASP A 84 -6.35 -28.97 -15.73
N LEU A 85 -6.21 -27.66 -15.92
CA LEU A 85 -5.51 -27.16 -17.10
C LEU A 85 -4.02 -27.47 -17.01
N ILE A 86 -3.43 -27.23 -15.85
CA ILE A 86 -2.02 -27.50 -15.64
C ILE A 86 -1.72 -28.97 -15.97
N GLU A 87 -2.54 -29.89 -15.43
CA GLU A 87 -2.29 -31.32 -15.59
C GLU A 87 -2.49 -31.72 -17.02
N GLU A 88 -3.51 -31.17 -17.64
CA GLU A 88 -3.81 -31.46 -19.03
C GLU A 88 -2.70 -31.02 -19.97
N VAL A 89 -2.25 -29.78 -19.80
CA VAL A 89 -1.24 -29.21 -20.67
C VAL A 89 0.16 -29.84 -20.52
N TYR A 90 0.55 -30.16 -19.29
CA TYR A 90 1.92 -30.61 -19.00
C TYR A 90 2.12 -32.07 -18.61
N GLY A 91 1.05 -32.80 -18.32
CA GLY A 91 1.15 -34.21 -18.02
C GLY A 91 2.21 -34.50 -17.01
N ASP A 92 3.17 -35.34 -17.39
CA ASP A 92 4.26 -35.74 -16.46
C ASP A 92 5.30 -34.65 -16.23
N GLY A 93 5.18 -33.53 -16.94
CA GLY A 93 6.06 -32.38 -16.79
C GLY A 93 5.82 -31.51 -15.55
N VAL A 94 4.81 -31.86 -14.76
CA VAL A 94 4.53 -31.20 -13.49
C VAL A 94 4.46 -32.21 -12.37
N ARG A 95 5.00 -31.85 -11.20
CA ARG A 95 4.89 -32.66 -9.98
C ARG A 95 3.83 -31.98 -9.14
N PHE A 96 2.82 -32.76 -8.74
CA PHE A 96 1.72 -32.31 -7.95
C PHE A 96 2.06 -32.59 -6.52
N PHE A 97 1.79 -31.64 -5.62
CA PHE A 97 2.08 -31.84 -4.19
C PHE A 97 1.21 -30.88 -3.36
N THR A 98 1.26 -31.07 -2.05
CA THR A 98 0.44 -30.33 -1.10
C THR A 98 1.25 -29.47 -0.18
N ARG A 99 0.84 -28.19 -0.09
CA ARG A 99 1.44 -27.23 0.82
C ARG A 99 0.37 -26.94 1.85
N TYR A 100 0.77 -26.31 2.95
CA TYR A 100 -0.13 -26.06 4.07
C TYR A 100 -0.12 -24.59 4.47
N ALA A 101 -1.26 -23.95 4.28
CA ALA A 101 -1.43 -22.57 4.63
C ALA A 101 -1.70 -22.54 6.13
N THR A 102 -1.31 -21.45 6.76
CA THR A 102 -1.59 -21.25 8.18
C THR A 102 -2.48 -20.02 8.34
N LYS A 103 -3.17 -19.95 9.47
CA LYS A 103 -4.05 -18.84 9.77
C LYS A 103 -3.19 -17.62 9.97
N LYS A 104 -3.69 -16.46 9.53
CA LYS A 104 -2.96 -15.20 9.66
C LYS A 104 -3.29 -14.40 10.91
N ASP A 105 -4.01 -14.99 11.86
CA ASP A 105 -4.38 -14.32 13.13
C ASP A 105 -3.65 -14.90 14.34
N THR A 106 -2.43 -15.31 14.11
CA THR A 106 -1.61 -15.99 15.10
C THR A 106 -1.42 -15.26 16.41
N GLU A 107 -1.60 -15.99 17.51
CA GLU A 107 -1.29 -15.47 18.84
C GLU A 107 0.02 -16.15 19.20
N PHE A 108 1.10 -15.39 19.26
CA PHE A 108 2.42 -15.92 19.62
C PHE A 108 2.66 -15.87 21.13
N ASP A 109 3.38 -16.85 21.65
CA ASP A 109 3.74 -16.91 23.07
C ASP A 109 5.14 -16.41 23.10
N LEU A 110 5.30 -15.13 23.40
CA LEU A 110 6.62 -14.52 23.40
C LEU A 110 7.60 -15.20 24.36
N GLY A 111 7.10 -15.69 25.49
CA GLY A 111 7.96 -16.36 26.48
C GLY A 111 8.56 -17.61 25.92
N HIS A 112 7.68 -18.39 25.29
CA HIS A 112 8.02 -19.63 24.62
C HIS A 112 9.03 -19.40 23.50
N LEU A 113 8.80 -18.37 22.70
CA LEU A 113 9.70 -18.09 21.59
C LEU A 113 11.08 -17.73 22.08
N GLN A 114 11.12 -16.89 23.10
CA GLN A 114 12.40 -16.47 23.65
C GLN A 114 13.15 -17.67 24.22
N LYS A 115 12.45 -18.61 24.86
CA LYS A 115 13.11 -19.82 25.38
C LYS A 115 13.79 -20.60 24.25
N LEU A 116 13.12 -20.74 23.11
CA LEU A 116 13.69 -21.43 21.97
C LEU A 116 14.97 -20.73 21.50
N VAL A 117 14.94 -19.40 21.49
CA VAL A 117 16.12 -18.62 21.10
C VAL A 117 17.23 -18.88 22.12
N ASP A 118 16.89 -18.77 23.40
CA ASP A 118 17.82 -18.98 24.51
C ASP A 118 18.45 -20.38 24.52
N ASP A 119 17.68 -21.39 24.11
CA ASP A 119 18.18 -22.77 24.07
C ASP A 119 19.21 -23.07 22.97
N LEU A 120 19.58 -22.07 22.17
CA LEU A 120 20.60 -22.27 21.15
C LEU A 120 21.93 -22.49 21.89
N PRO A 121 22.61 -23.64 21.62
CA PRO A 121 23.90 -23.91 22.29
C PRO A 121 24.97 -22.82 22.06
N GLU A 122 25.87 -22.64 23.05
CA GLU A 122 26.94 -21.61 23.01
C GLU A 122 27.87 -21.75 21.79
N SER A 123 27.97 -22.97 21.27
N SER A 123 27.99 -22.97 21.27
CA SER A 123 28.75 -23.29 20.08
CA SER A 123 28.78 -23.27 20.08
C SER A 123 28.25 -22.55 18.84
C SER A 123 28.26 -22.55 18.83
N PHE A 124 26.95 -22.28 18.81
CA PHE A 124 26.32 -21.58 17.70
C PHE A 124 26.20 -20.09 18.01
N ASP A 125 26.23 -19.29 16.96
CA ASP A 125 26.13 -17.86 17.05
C ASP A 125 25.01 -17.44 16.13
N LYS A 127 22.83 -14.39 14.44
CA LYS A 127 23.07 -13.04 14.03
C LYS A 127 22.04 -12.56 13.04
N LEU A 128 21.69 -11.28 13.07
CA LEU A 128 20.83 -10.72 12.04
C LEU A 128 21.63 -10.64 10.78
N ILE A 129 20.97 -10.82 9.63
CA ILE A 129 21.61 -10.75 8.34
C ILE A 129 21.94 -9.31 8.05
N ASP A 130 23.22 -9.03 7.79
CA ASP A 130 23.71 -7.70 7.46
C ASP A 130 24.28 -7.77 6.04
N ARG A 131 24.96 -6.73 5.60
CA ARG A 131 25.49 -6.64 4.25
C ARG A 131 26.41 -7.81 3.88
N ASN A 132 27.28 -8.21 4.80
N ASN A 132 27.28 -8.20 4.83
CA ASN A 132 28.22 -9.31 4.53
CA ASN A 132 28.23 -9.32 4.69
C ASN A 132 27.56 -10.69 4.53
C ASN A 132 27.54 -10.65 4.53
N LEU A 133 26.64 -10.93 5.47
CA LEU A 133 25.91 -12.20 5.52
C LEU A 133 24.96 -12.34 4.35
N TYR A 134 24.40 -11.23 3.89
CA TYR A 134 23.60 -11.24 2.66
C TYR A 134 24.41 -11.96 1.57
N GLU A 135 25.63 -11.52 1.34
CA GLU A 135 26.45 -12.10 0.28
C GLU A 135 26.77 -13.58 0.53
N THR A 136 27.02 -13.93 1.80
CA THR A 136 27.33 -15.29 2.17
C THR A 136 26.13 -16.20 1.87
N CYS A 137 24.91 -15.71 2.16
CA CYS A 137 23.68 -16.49 1.90
C CYS A 137 23.47 -16.77 0.40
N LEU A 138 23.82 -15.79 -0.42
CA LEU A 138 23.69 -15.98 -1.89
C LEU A 138 24.61 -17.04 -2.49
N VAL A 139 25.74 -17.32 -1.87
CA VAL A 139 26.72 -18.23 -2.47
C VAL A 139 26.31 -19.73 -2.53
N GLU A 140 25.59 -20.22 -1.53
CA GLU A 140 25.15 -21.61 -1.56
C GLU A 140 23.70 -21.70 -1.99
N GLU A 141 23.39 -22.72 -2.79
CA GLU A 141 22.05 -22.89 -3.26
C GLU A 141 21.09 -23.11 -2.10
N TRP A 142 21.54 -23.79 -1.04
CA TRP A 142 20.65 -24.10 0.06
C TRP A 142 20.14 -22.85 0.80
N SER A 143 20.95 -21.80 0.87
CA SER A 143 20.60 -20.59 1.63
C SER A 143 20.16 -19.39 0.80
N ARG A 144 20.27 -19.47 -0.51
CA ARG A 144 20.05 -18.30 -1.31
C ARG A 144 18.68 -17.67 -1.25
N ASP A 145 17.63 -18.47 -1.06
CA ASP A 145 16.28 -17.91 -0.95
C ASP A 145 16.06 -17.11 0.33
N LEU A 146 17.00 -17.16 1.27
CA LEU A 146 16.88 -16.33 2.47
C LEU A 146 16.90 -14.82 2.10
N VAL A 147 17.65 -14.47 1.06
CA VAL A 147 17.81 -13.10 0.60
C VAL A 147 17.70 -12.86 -0.90
N GLY A 148 17.77 -13.94 -1.69
CA GLY A 148 17.84 -13.84 -3.17
C GLY A 148 16.67 -13.28 -3.93
N ASN A 149 15.53 -13.12 -3.29
CA ASN A 149 14.38 -12.57 -3.99
C ASN A 149 14.42 -11.06 -4.06
N TYR A 150 15.29 -10.44 -3.27
CA TYR A 150 15.42 -9.00 -3.27
C TYR A 150 16.36 -8.61 -4.42
N ILE A 151 16.14 -7.42 -5.00
CA ILE A 151 16.93 -6.97 -6.16
C ILE A 151 18.40 -6.82 -5.86
N ASP A 152 18.74 -6.40 -4.63
CA ASP A 152 20.12 -6.25 -4.20
C ASP A 152 20.13 -6.13 -2.69
N VAL A 153 21.33 -6.03 -2.12
CA VAL A 153 21.51 -5.90 -0.66
C VAL A 153 20.77 -4.69 -0.06
N GLU A 154 20.73 -3.61 -0.83
CA GLU A 154 20.10 -2.38 -0.42
C GLU A 154 18.60 -2.60 -0.23
N GLN A 155 17.96 -3.22 -1.22
CA GLN A 155 16.56 -3.54 -1.09
C GLN A 155 16.34 -4.55 0.07
N PHE A 156 17.18 -5.57 0.18
CA PHE A 156 17.00 -6.53 1.26
C PHE A 156 17.09 -5.84 2.59
N LEU A 157 18.10 -5.02 2.80
CA LEU A 157 18.22 -4.32 4.08
C LEU A 157 17.08 -3.32 4.32
N ASP A 158 16.57 -2.71 3.27
CA ASP A 158 15.50 -1.75 3.40
C ASP A 158 14.15 -2.42 3.72
N LEU A 159 13.79 -3.44 2.93
CA LEU A 159 12.48 -4.10 3.02
C LEU A 159 12.45 -5.49 3.64
N GLY A 160 13.60 -6.17 3.68
CA GLY A 160 13.65 -7.53 4.19
C GLY A 160 14.15 -7.56 5.62
N LEU A 161 14.17 -8.76 6.18
CA LEU A 161 14.61 -8.97 7.53
C LEU A 161 14.95 -10.46 7.67
N GLY A 162 16.07 -10.76 8.32
CA GLY A 162 16.44 -12.14 8.53
C GLY A 162 17.56 -12.34 9.51
N CYS A 163 17.71 -13.58 9.92
CA CYS A 163 18.80 -13.95 10.79
C CYS A 163 19.32 -15.37 10.48
N VAL A 164 20.58 -15.59 10.83
CA VAL A 164 21.30 -16.81 10.54
C VAL A 164 22.02 -17.33 11.76
N ILE A 165 22.30 -18.63 11.73
CA ILE A 165 23.04 -19.31 12.77
C ILE A 165 24.38 -19.71 12.15
N LEU A 166 25.47 -19.40 12.85
CA LEU A 166 26.79 -19.74 12.39
C LEU A 166 27.41 -20.82 13.27
N HIS A 167 28.26 -21.65 12.69
CA HIS A 167 28.98 -22.65 13.46
C HIS A 167 30.32 -22.83 12.80
N LYS A 168 31.40 -22.75 13.57
CA LYS A 168 32.77 -22.85 13.01
C LYS A 168 32.96 -21.85 11.88
N GLY A 169 32.33 -20.69 12.02
CA GLY A 169 32.40 -19.64 11.05
C GLY A 169 31.58 -19.78 9.78
N GLN A 170 30.74 -20.81 9.67
CA GLN A 170 29.92 -21.00 8.48
C GLN A 170 28.45 -20.82 8.85
N VAL A 171 27.69 -20.29 7.90
CA VAL A 171 26.27 -20.16 8.03
C VAL A 171 25.74 -21.56 7.84
N VAL A 172 25.02 -22.05 8.85
CA VAL A 172 24.45 -23.40 8.82
C VAL A 172 22.92 -23.44 8.89
N SER A 173 22.27 -22.33 9.20
CA SER A 173 20.82 -22.27 9.25
C SER A 173 20.41 -20.80 9.22
N GLY A 174 19.15 -20.56 8.85
CA GLY A 174 18.65 -19.20 8.77
C GLY A 174 17.15 -19.14 8.58
N ALA A 175 16.59 -18.02 9.05
CA ALA A 175 15.17 -17.73 8.93
C ALA A 175 15.12 -16.32 8.43
N SER A 176 14.50 -16.09 7.29
CA SER A 176 14.52 -14.76 6.67
C SER A 176 13.28 -14.48 5.84
N SER A 177 13.19 -13.24 5.38
CA SER A 177 12.07 -12.82 4.62
C SER A 177 12.22 -13.25 3.16
N TYR A 178 11.40 -14.20 2.73
CA TYR A 178 11.35 -14.59 1.30
C TYR A 178 10.74 -13.44 0.47
N ALA A 179 9.81 -12.76 1.13
CA ALA A 179 9.12 -11.60 0.63
C ALA A 179 8.65 -10.74 1.82
N SER A 180 8.27 -9.53 1.46
CA SER A 180 7.78 -8.48 2.35
C SER A 180 6.53 -7.85 1.76
N TYR A 181 5.61 -7.47 2.62
CA TYR A 181 4.44 -6.70 2.20
C TYR A 181 4.30 -5.55 3.20
N SER A 182 3.33 -4.68 2.99
CA SER A 182 3.14 -3.48 3.79
C SER A 182 3.18 -3.69 5.29
N ALA A 183 2.63 -4.80 5.75
CA ALA A 183 2.52 -5.05 7.17
C ALA A 183 3.28 -6.30 7.66
N GLY A 184 4.16 -6.89 6.84
CA GLY A 184 4.82 -8.09 7.31
C GLY A 184 5.75 -8.70 6.31
N ILE A 185 6.12 -9.95 6.57
CA ILE A 185 7.00 -10.73 5.70
C ILE A 185 6.48 -12.18 5.58
N GLU A 186 7.00 -12.87 4.56
CA GLU A 186 6.70 -14.28 4.33
C GLU A 186 7.98 -15.00 4.66
N ILE A 187 7.93 -15.91 5.64
CA ILE A 187 9.12 -16.54 6.13
C ILE A 187 9.64 -17.70 5.29
N GLU A 188 10.97 -17.74 5.23
CA GLU A 188 11.73 -18.78 4.59
C GLU A 188 12.66 -19.25 5.69
N VAL A 189 12.67 -20.55 5.95
CA VAL A 189 13.58 -21.15 6.89
C VAL A 189 14.36 -22.23 6.15
N ASP A 190 15.67 -22.28 6.37
CA ASP A 190 16.54 -23.28 5.75
C ASP A 190 17.66 -23.71 6.71
N THR A 191 18.01 -25.00 6.68
CA THR A 191 19.12 -25.52 7.44
C THR A 191 20.01 -26.37 6.55
N ARG A 192 21.32 -26.22 6.69
CA ARG A 192 22.23 -26.97 5.85
C ARG A 192 22.09 -28.47 6.20
N GLU A 193 22.12 -29.33 5.18
CA GLU A 193 21.83 -30.78 5.36
C GLU A 193 22.55 -31.42 6.54
N ASP A 194 23.85 -31.12 6.63
CA ASP A 194 24.69 -31.68 7.68
C ASP A 194 24.38 -31.17 9.08
N TYR A 195 23.56 -30.12 9.20
CA TYR A 195 23.17 -29.59 10.50
C TYR A 195 21.69 -29.75 10.82
N ARG A 196 20.98 -30.53 10.00
CA ARG A 196 19.55 -30.76 10.24
C ARG A 196 19.36 -31.67 11.45
N GLY A 197 18.14 -31.59 12.00
CA GLY A 197 17.78 -32.36 13.18
C GLY A 197 18.38 -31.88 14.48
N LEU A 198 18.81 -30.63 14.56
CA LEU A 198 19.39 -30.09 15.80
C LEU A 198 18.59 -28.95 16.38
N GLY A 199 17.42 -28.66 15.81
CA GLY A 199 16.56 -27.58 16.32
C GLY A 199 17.02 -26.18 16.00
N LEU A 200 17.91 -26.07 15.00
CA LEU A 200 18.41 -24.78 14.61
C LEU A 200 17.33 -23.93 13.91
N ALA A 201 16.56 -24.55 13.03
CA ALA A 201 15.49 -23.85 12.31
C ALA A 201 14.50 -23.14 13.25
N LYS A 202 14.14 -23.86 14.30
CA LYS A 202 13.21 -23.43 15.35
C LYS A 202 13.77 -22.23 16.11
N ALA A 203 15.07 -22.24 16.40
CA ALA A 203 15.70 -21.14 17.09
C ALA A 203 15.75 -19.87 16.23
N CYS A 204 16.15 -19.98 14.97
N CYS A 204 16.13 -20.02 14.96
CA CYS A 204 16.21 -18.79 14.13
CA CYS A 204 16.17 -18.87 14.04
C CYS A 204 14.81 -18.32 13.70
C CYS A 204 14.79 -18.32 13.82
N ALA A 205 13.85 -19.24 13.59
CA ALA A 205 12.48 -18.89 13.28
C ALA A 205 11.92 -18.13 14.48
N ALA A 206 12.19 -18.64 15.68
CA ALA A 206 11.70 -17.96 16.87
C ALA A 206 12.24 -16.55 16.94
N GLN A 207 13.53 -16.39 16.71
CA GLN A 207 14.18 -15.07 16.75
C GLN A 207 13.60 -14.11 15.72
N LEU A 208 13.43 -14.61 14.50
CA LEU A 208 12.87 -13.79 13.43
C LEU A 208 11.46 -13.30 13.79
N ILE A 209 10.62 -14.21 14.27
CA ILE A 209 9.23 -13.89 14.68
C ILE A 209 9.31 -12.79 15.72
N LEU A 210 10.13 -12.98 16.74
CA LEU A 210 10.31 -11.95 17.79
C LEU A 210 10.78 -10.61 17.24
N ALA A 211 11.70 -10.65 16.27
CA ALA A 211 12.18 -9.44 15.60
C ALA A 211 11.03 -8.75 14.86
N CYS A 212 10.19 -9.55 14.20
CA CYS A 212 9.03 -9.03 13.48
C CYS A 212 8.04 -8.36 14.40
N LEU A 213 7.62 -9.11 15.41
CA LEU A 213 6.67 -8.59 16.39
C LEU A 213 7.18 -7.29 17.00
N ASP A 214 8.46 -7.26 17.33
CA ASP A 214 9.09 -6.06 17.88
C ASP A 214 8.96 -4.84 16.96
N ARG A 215 8.95 -5.06 15.65
CA ARG A 215 8.83 -3.96 14.68
C ARG A 215 7.38 -3.78 14.19
N GLY A 216 6.43 -4.51 14.78
CA GLY A 216 5.04 -4.42 14.32
C GLY A 216 4.72 -5.12 13.01
N LEU A 217 5.59 -6.02 12.57
CA LEU A 217 5.40 -6.76 11.33
C LEU A 217 4.77 -8.10 11.63
N TYR A 218 3.88 -8.57 10.77
CA TYR A 218 3.33 -9.91 10.92
C TYR A 218 4.25 -10.90 10.23
N PRO A 219 4.77 -11.91 10.97
CA PRO A 219 5.60 -12.95 10.39
C PRO A 219 4.75 -14.10 9.86
N SER A 220 4.56 -14.13 8.54
CA SER A 220 3.74 -15.19 7.93
C SER A 220 4.47 -16.49 7.68
N TRP A 221 3.73 -17.60 7.81
CA TRP A 221 4.27 -18.93 7.49
C TRP A 221 3.35 -19.65 6.51
N ASP A 222 3.93 -20.17 5.44
CA ASP A 222 3.19 -20.95 4.47
C ASP A 222 4.08 -22.18 4.29
N ALA A 223 3.62 -23.32 4.80
CA ALA A 223 4.42 -24.53 4.91
C ALA A 223 4.58 -25.28 3.58
N HIS A 224 5.82 -25.50 3.18
CA HIS A 224 6.11 -26.25 1.96
C HIS A 224 5.88 -27.73 2.13
N THR A 225 5.95 -28.21 3.37
CA THR A 225 5.80 -29.62 3.69
C THR A 225 5.12 -29.79 5.05
N LEU A 226 4.67 -31.00 5.32
CA LEU A 226 4.09 -31.32 6.61
C LEU A 226 5.11 -31.06 7.73
N THR A 227 6.37 -31.37 7.47
CA THR A 227 7.42 -31.15 8.42
C THR A 227 7.49 -29.68 8.76
N SER A 228 7.38 -28.85 7.74
CA SER A 228 7.40 -27.42 7.94
C SER A 228 6.18 -26.97 8.72
N LEU A 229 5.04 -27.61 8.49
CA LEU A 229 3.82 -27.26 9.18
C LEU A 229 3.99 -27.55 10.66
N LYS A 230 4.52 -28.75 10.95
CA LYS A 230 4.72 -29.16 12.35
C LYS A 230 5.64 -28.21 13.11
N LEU A 231 6.66 -27.68 12.43
CA LEU A 231 7.53 -26.67 13.00
C LEU A 231 6.73 -25.40 13.31
N ALA A 232 5.98 -24.94 12.31
CA ALA A 232 5.16 -23.76 12.47
C ALA A 232 4.24 -23.93 13.67
N GLU A 233 3.66 -25.12 13.85
CA GLU A 233 2.75 -25.39 14.98
C GLU A 233 3.48 -25.24 16.31
N LYS A 234 4.74 -25.66 16.35
CA LYS A 234 5.58 -25.48 17.56
C LYS A 234 5.80 -24.00 17.81
N LEU A 235 5.88 -23.20 16.75
CA LEU A 235 6.12 -21.76 16.88
C LEU A 235 4.86 -20.96 17.15
N GLY A 236 3.70 -21.62 17.09
CA GLY A 236 2.42 -20.98 17.41
C GLY A 236 1.43 -20.85 16.29
N TYR A 237 1.84 -21.17 15.06
CA TYR A 237 0.92 -21.07 13.93
C TYR A 237 -0.11 -22.20 14.00
N GLU A 238 -1.27 -21.98 13.39
N GLU A 238 -1.25 -21.95 13.36
CA GLU A 238 -2.28 -23.00 13.29
CA GLU A 238 -2.36 -22.88 13.29
C GLU A 238 -2.62 -23.20 11.83
C GLU A 238 -2.65 -23.17 11.82
N LEU A 239 -2.85 -24.44 11.48
CA LEU A 239 -3.18 -24.83 10.12
C LEU A 239 -4.48 -24.17 9.68
N ASP A 240 -4.48 -23.66 8.44
CA ASP A 240 -5.67 -23.12 7.80
C ASP A 240 -6.17 -24.30 6.96
N LYS A 241 -5.46 -24.63 5.90
CA LYS A 241 -5.84 -25.75 5.07
C LYS A 241 -4.67 -26.19 4.20
N ALA A 242 -4.74 -27.45 3.80
CA ALA A 242 -3.84 -28.04 2.87
C ALA A 242 -4.27 -27.46 1.53
N TYR A 243 -3.33 -27.21 0.63
CA TYR A 243 -3.72 -26.71 -0.68
C TYR A 243 -2.83 -27.29 -1.79
N GLN A 244 -3.36 -27.30 -3.01
CA GLN A 244 -2.65 -27.84 -4.17
C GLN A 244 -1.56 -26.93 -4.71
N ALA A 245 -0.43 -27.55 -5.06
CA ALA A 245 0.70 -26.84 -5.67
C ALA A 245 1.34 -27.76 -6.71
N TYR A 246 2.05 -27.13 -7.64
CA TYR A 246 2.78 -27.80 -8.70
C TYR A 246 4.16 -27.21 -8.92
N GLU A 247 5.10 -28.04 -9.36
CA GLU A 247 6.43 -27.66 -9.80
C GLU A 247 6.68 -28.35 -11.12
N TRP A 248 7.63 -27.85 -11.88
CA TRP A 248 8.02 -28.51 -13.10
C TRP A 248 8.85 -29.74 -12.70
N ARG A 249 8.68 -30.83 -13.44
CA ARG A 249 9.45 -32.08 -13.29
C ARG A 249 10.30 -32.14 -14.52
N GLY B 1 5.37 -6.82 -16.27
CA GLY B 1 3.87 -6.88 -16.22
C GLY B 1 3.23 -5.57 -15.79
N ALA B 3 2.33 -4.46 -12.78
CA ALA B 3 2.97 -3.86 -11.63
C ALA B 3 4.30 -3.18 -11.99
N GLU B 4 5.08 -3.78 -12.88
CA GLU B 4 6.31 -3.15 -13.31
C GLU B 4 5.97 -1.84 -14.03
N GLN B 5 4.95 -1.89 -14.89
CA GLN B 5 4.52 -0.70 -15.63
C GLN B 5 4.11 0.47 -14.73
N ARG B 7 5.31 0.91 -11.71
CA ARG B 7 6.53 1.39 -11.05
C ARG B 7 7.26 2.44 -11.91
N ARG B 8 7.26 2.22 -13.21
CA ARG B 8 7.83 3.13 -14.16
C ARG B 8 7.05 4.43 -14.16
N VAL B 9 5.72 4.33 -14.18
CA VAL B 9 4.84 5.51 -14.13
C VAL B 9 5.08 6.32 -12.87
N ALA B 10 5.15 5.66 -11.72
CA ALA B 10 5.39 6.41 -10.51
C ALA B 10 6.67 7.26 -10.63
N ARG B 11 7.67 6.81 -11.38
CA ARG B 11 8.90 7.59 -11.55
C ARG B 11 8.69 8.91 -12.29
N LEU B 12 7.65 9.01 -13.09
CA LEU B 12 7.38 10.24 -13.80
C LEU B 12 6.98 11.37 -12.86
N PHE B 13 6.34 11.01 -11.75
CA PHE B 13 5.94 11.97 -10.74
C PHE B 13 7.09 12.31 -9.80
N GLY B 14 7.99 11.35 -9.60
CA GLY B 14 9.16 11.56 -8.78
C GLY B 14 8.76 11.91 -7.38
N ASP B 15 9.48 12.88 -6.81
CA ASP B 15 9.26 13.38 -5.46
C ASP B 15 8.34 14.58 -5.58
N TRP B 16 7.03 14.35 -5.62
CA TRP B 16 6.06 15.42 -5.75
C TRP B 16 5.16 15.19 -4.58
N PRO B 17 5.37 15.94 -3.50
CA PRO B 17 4.65 15.63 -2.27
C PRO B 17 3.22 16.17 -2.15
N GLU B 18 2.38 15.78 -3.09
CA GLU B 18 0.94 16.07 -3.03
C GLU B 18 0.26 14.77 -2.68
N THR B 19 -0.40 14.69 -1.52
CA THR B 19 -0.97 13.40 -1.11
C THR B 19 -2.00 12.79 -2.06
N ILE B 20 -2.69 13.60 -2.85
CA ILE B 20 -3.65 13.09 -3.81
C ILE B 20 -2.91 12.28 -4.92
N ILE B 21 -1.69 12.68 -5.24
CA ILE B 21 -0.89 11.91 -6.20
C ILE B 21 -0.57 10.57 -5.54
N TRP B 22 -0.25 10.61 -4.26
CA TRP B 22 0.05 9.39 -3.58
C TRP B 22 -1.11 8.41 -3.58
N THR B 23 -2.31 8.95 -3.44
CA THR B 23 -3.57 8.17 -3.43
C THR B 23 -3.67 7.45 -4.77
N CYS B 24 -3.59 8.22 -5.81
CA CYS B 24 -3.69 7.62 -7.14
C CYS B 24 -2.65 6.55 -7.44
N LEU B 25 -1.41 6.78 -7.01
CA LEU B 25 -0.32 5.86 -7.24
C LEU B 25 -0.37 4.58 -6.38
N GLU B 26 -0.94 4.72 -5.17
CA GLU B 26 -1.11 3.61 -4.22
C GLU B 26 -2.16 2.59 -4.69
N GLY B 27 -3.17 3.00 -5.44
CA GLY B 27 -4.08 2.04 -6.06
C GLY B 27 -5.51 1.85 -5.63
N THR B 28 -5.85 2.27 -4.42
CA THR B 28 -7.19 2.07 -3.91
C THR B 28 -8.24 3.07 -4.42
N GLY B 30 -8.68 6.94 -6.90
CA GLY B 30 -8.08 7.76 -7.92
C GLY B 30 -7.69 6.86 -9.05
N ASP B 31 -7.11 7.45 -10.10
CA ASP B 31 -6.71 6.67 -11.25
C ASP B 31 -5.47 7.29 -11.88
N ILE B 32 -4.91 6.60 -12.87
CA ILE B 32 -3.69 6.99 -13.48
C ILE B 32 -3.86 6.72 -14.96
N TYR B 33 -3.53 7.70 -15.77
CA TYR B 33 -3.58 7.60 -17.21
C TYR B 33 -2.22 7.94 -17.78
N VAL B 34 -1.84 7.32 -18.90
CA VAL B 34 -0.55 7.59 -19.51
C VAL B 34 -0.68 7.74 -21.01
N ASP B 35 0.38 8.20 -21.67
CA ASP B 35 0.37 8.33 -23.13
C ASP B 35 0.51 6.97 -23.79
N ASP B 36 1.28 6.08 -23.17
CA ASP B 36 1.54 4.74 -23.68
C ASP B 36 1.79 3.85 -22.49
N SER B 37 0.92 2.89 -22.27
CA SER B 37 1.05 1.98 -21.11
C SER B 37 2.33 1.13 -21.19
N GLN B 38 2.78 0.82 -22.41
CA GLN B 38 3.98 0.03 -22.65
C GLN B 38 5.26 0.82 -22.42
N SER B 39 5.31 2.05 -22.96
CA SER B 39 6.47 2.94 -22.81
C SER B 39 5.96 4.35 -22.41
N PRO B 40 5.58 4.51 -21.12
CA PRO B 40 4.99 5.77 -20.63
C PRO B 40 5.98 6.91 -20.43
N GLN B 41 5.73 8.04 -21.07
CA GLN B 41 6.56 9.23 -20.91
C GLN B 41 5.75 10.41 -20.34
N SER B 42 4.42 10.25 -20.28
CA SER B 42 3.50 11.26 -19.78
C SER B 42 2.44 10.60 -18.90
N ALA B 43 2.11 11.21 -17.75
CA ALA B 43 1.10 10.65 -16.85
C ALA B 43 0.19 11.71 -16.21
N LEU B 44 -1.02 11.26 -15.89
CA LEU B 44 -2.05 12.04 -15.22
C LEU B 44 -2.58 11.28 -14.01
N ALA B 45 -2.44 11.86 -12.82
CA ALA B 45 -3.08 11.34 -11.61
C ALA B 45 -4.39 12.07 -11.49
N LEU B 46 -5.50 11.38 -11.82
CA LEU B 46 -6.85 11.94 -11.80
C LEU B 46 -7.62 11.44 -10.61
N TYR B 47 -8.11 12.37 -9.82
CA TYR B 47 -8.84 12.06 -8.62
C TYR B 47 -10.09 12.92 -8.45
N GLY B 48 -11.18 12.29 -7.99
CA GLY B 48 -12.41 12.99 -7.61
C GLY B 48 -13.66 12.40 -8.19
N ARG B 49 -14.81 12.89 -7.73
CA ARG B 49 -16.14 12.46 -8.22
C ARG B 49 -17.01 13.64 -8.65
N GLN B 50 -17.15 14.65 -7.80
CA GLN B 50 -17.86 15.90 -8.22
C GLN B 50 -16.80 16.91 -8.59
N SER B 51 -15.86 17.15 -7.67
CA SER B 51 -14.71 18.01 -7.95
C SER B 51 -13.49 17.11 -8.13
N PHE B 52 -12.56 17.58 -8.94
CA PHE B 52 -11.43 16.80 -9.37
C PHE B 52 -10.08 17.54 -9.24
N PHE B 53 -9.02 16.75 -9.35
CA PHE B 53 -7.66 17.20 -9.43
C PHE B 53 -7.04 16.38 -10.53
N GLY B 54 -6.22 17.02 -11.36
CA GLY B 54 -5.50 16.35 -12.42
C GLY B 54 -4.06 16.80 -12.31
N PHE B 55 -3.21 15.96 -11.74
CA PHE B 55 -1.79 16.23 -11.65
C PHE B 55 -1.12 15.67 -12.91
N LEU B 56 -0.39 16.51 -13.64
CA LEU B 56 0.19 16.18 -14.92
C LEU B 56 1.68 16.13 -14.80
N ALA B 57 2.28 15.01 -15.18
CA ALA B 57 3.71 14.80 -15.03
C ALA B 57 4.32 14.17 -16.29
N GLY B 58 5.64 14.25 -16.38
CA GLY B 58 6.40 13.72 -17.50
C GLY B 58 6.35 14.69 -18.66
N GLN B 59 6.44 14.17 -19.88
CA GLN B 59 6.35 15.02 -21.06
C GLN B 59 4.95 15.62 -21.25
N PRO B 60 4.88 16.95 -21.44
CA PRO B 60 3.57 17.52 -21.76
C PRO B 60 2.92 16.77 -22.90
N HIS B 61 1.63 16.47 -22.78
CA HIS B 61 0.93 15.67 -23.77
C HIS B 61 -0.51 16.12 -23.87
N ARG B 62 -0.97 16.40 -25.10
CA ARG B 62 -2.36 16.88 -25.33
C ARG B 62 -3.49 15.95 -24.93
N ASP B 63 -3.27 14.65 -25.12
CA ASP B 63 -4.30 13.66 -24.86
C ASP B 63 -4.68 13.50 -23.39
N LEU B 64 -3.69 13.64 -22.51
CA LEU B 64 -3.94 13.60 -21.06
C LEU B 64 -4.75 14.82 -20.62
N LEU B 65 -4.49 15.96 -21.25
CA LEU B 65 -5.26 17.20 -20.99
C LEU B 65 -6.72 17.01 -21.47
N LYS B 66 -6.93 16.33 -22.60
CA LYS B 66 -8.28 16.05 -23.06
C LYS B 66 -9.06 15.25 -22.05
N ILE B 67 -8.40 14.35 -21.31
CA ILE B 67 -9.10 13.52 -20.29
C ILE B 67 -9.70 14.44 -19.24
N CYS B 68 -8.98 15.51 -18.92
CA CYS B 68 -9.42 16.48 -17.94
C CYS B 68 -10.51 17.42 -18.41
N GLU B 69 -10.79 17.49 -19.70
CA GLU B 69 -11.82 18.37 -20.20
C GLU B 69 -13.22 17.99 -19.72
N GLY B 70 -14.06 19.01 -19.56
CA GLY B 70 -15.44 18.84 -19.14
C GLY B 70 -15.61 18.44 -17.71
N LYS B 71 -14.60 18.71 -16.88
CA LYS B 71 -14.68 18.34 -15.47
C LYS B 71 -14.43 19.55 -14.62
N ASN B 72 -15.07 19.56 -13.45
CA ASN B 72 -14.89 20.58 -12.44
C ASN B 72 -13.57 20.22 -11.76
N ILE B 73 -12.49 20.55 -12.47
CA ILE B 73 -11.14 20.13 -12.15
C ILE B 73 -10.11 21.22 -11.98
N ILE B 74 -9.14 20.95 -11.09
CA ILE B 74 -7.98 21.78 -10.89
C ILE B 74 -6.84 21.02 -11.55
N LEU B 75 -6.28 21.60 -12.61
N LEU B 75 -6.26 21.64 -12.57
CA LEU B 75 -5.15 20.98 -13.29
CA LEU B 75 -5.14 21.05 -13.30
C LEU B 75 -3.90 21.51 -12.61
C LEU B 75 -3.89 21.54 -12.60
N VAL B 76 -2.97 20.63 -12.28
CA VAL B 76 -1.71 20.99 -11.62
C VAL B 76 -0.54 20.50 -12.48
N PRO B 77 0.15 21.43 -13.19
CA PRO B 77 1.32 21.05 -13.97
C PRO B 77 2.55 20.78 -13.15
N GLN B 78 3.34 19.81 -13.58
CA GLN B 78 4.56 19.52 -12.90
C GLN B 78 5.55 20.63 -13.10
N ASN B 79 5.54 21.25 -14.28
CA ASN B 79 6.55 22.25 -14.63
C ASN B 79 6.07 23.27 -15.65
N GLN B 80 6.92 24.25 -15.95
CA GLN B 80 6.53 25.31 -16.87
C GLN B 80 6.13 24.76 -18.23
N ALA B 81 6.81 23.69 -18.67
CA ALA B 81 6.50 23.05 -19.94
C ALA B 81 5.03 22.61 -19.99
N TRP B 82 4.56 22.00 -18.92
CA TRP B 82 3.14 21.62 -18.86
C TRP B 82 2.26 22.86 -18.93
N SER B 83 2.56 23.85 -18.09
CA SER B 83 1.84 25.11 -18.13
C SER B 83 1.82 25.73 -19.53
N ASP B 84 2.95 25.67 -20.24
CA ASP B 84 3.02 26.25 -21.57
C ASP B 84 2.08 25.55 -22.54
N LEU B 85 2.05 24.22 -22.49
CA LEU B 85 1.17 23.46 -23.38
C LEU B 85 -0.30 23.75 -23.07
N ILE B 86 -0.61 23.89 -21.78
CA ILE B 86 -1.96 24.17 -21.32
C ILE B 86 -2.44 25.49 -21.88
N GLU B 87 -1.59 26.50 -21.82
CA GLU B 87 -1.90 27.84 -22.34
C GLU B 87 -1.95 27.84 -23.87
N GLU B 88 -0.94 27.24 -24.50
CA GLU B 88 -0.88 27.05 -25.94
C GLU B 88 -2.13 26.40 -26.50
N VAL B 89 -2.58 25.33 -25.86
CA VAL B 89 -3.73 24.58 -26.38
C VAL B 89 -5.08 25.21 -26.05
N TYR B 90 -5.25 25.70 -24.83
CA TYR B 90 -6.55 26.22 -24.44
C TYR B 90 -6.68 27.73 -24.43
N GLY B 91 -5.55 28.43 -24.35
CA GLY B 91 -5.54 29.88 -24.33
C GLY B 91 -6.47 30.41 -23.26
N ASP B 92 -7.49 31.16 -23.70
CA ASP B 92 -8.47 31.81 -22.83
C ASP B 92 -9.41 30.79 -22.23
N GLY B 93 -9.40 29.57 -22.74
CA GLY B 93 -10.25 28.52 -22.18
C GLY B 93 -9.81 27.96 -20.84
N VAL B 94 -8.79 28.58 -20.24
CA VAL B 94 -8.24 28.14 -18.97
C VAL B 94 -7.92 29.36 -18.13
N ARG B 95 -8.00 29.20 -16.81
CA ARG B 95 -7.77 30.25 -15.86
C ARG B 95 -6.60 29.86 -14.93
N PHE B 96 -5.52 30.63 -15.00
CA PHE B 96 -4.35 30.42 -14.16
C PHE B 96 -4.64 30.96 -12.79
N PHE B 97 -4.13 30.28 -11.76
CA PHE B 97 -4.21 30.80 -10.40
C PHE B 97 -3.14 30.09 -9.61
N THR B 98 -2.97 30.51 -8.34
CA THR B 98 -1.93 30.04 -7.50
C THR B 98 -2.49 29.35 -6.25
N ARG B 99 -1.95 28.18 -5.92
CA ARG B 99 -2.27 27.44 -4.72
C ARG B 99 -1.03 27.40 -3.85
N TYR B 100 -1.18 26.95 -2.60
CA TYR B 100 -0.10 26.95 -1.64
C TYR B 100 0.04 25.59 -0.94
N ALA B 101 1.17 24.94 -1.21
CA ALA B 101 1.52 23.67 -0.66
C ALA B 101 2.10 23.98 0.71
N THR B 102 1.85 23.08 1.63
CA THR B 102 2.38 23.18 2.99
C THR B 102 3.36 22.03 3.22
N LYS B 103 4.28 22.23 4.15
CA LYS B 103 5.26 21.23 4.49
C LYS B 103 4.58 20.02 5.13
N LYS B 104 5.12 18.83 4.84
CA LYS B 104 4.54 17.58 5.29
C LYS B 104 5.16 17.04 6.56
N ASP B 105 5.96 17.88 7.21
CA ASP B 105 6.62 17.53 8.46
C ASP B 105 6.09 18.40 9.58
N THR B 106 4.79 18.63 9.62
CA THR B 106 4.18 19.54 10.57
C THR B 106 4.33 19.13 12.05
N GLU B 107 4.67 20.10 12.90
CA GLU B 107 4.69 19.89 14.34
C GLU B 107 3.39 20.56 14.81
N PHE B 108 2.48 19.81 15.41
CA PHE B 108 1.22 20.37 15.87
C PHE B 108 1.23 20.71 17.36
N ASP B 109 0.63 21.83 17.72
CA ASP B 109 0.48 22.21 19.13
C ASP B 109 -0.90 21.67 19.60
N LEU B 110 -0.85 20.51 20.23
CA LEU B 110 -2.04 19.83 20.72
C LEU B 110 -2.87 20.64 21.69
N GLY B 111 -2.22 21.40 22.58
CA GLY B 111 -2.93 22.21 23.54
C GLY B 111 -3.71 23.28 22.83
N HIS B 112 -3.09 23.88 21.81
CA HIS B 112 -3.69 24.90 20.99
C HIS B 112 -4.90 24.33 20.22
N LEU B 113 -4.70 23.19 19.57
CA LEU B 113 -5.77 22.55 18.82
C LEU B 113 -6.92 22.12 19.73
N GLN B 114 -6.59 21.59 20.91
CA GLN B 114 -7.65 21.14 21.81
C GLN B 114 -8.40 22.38 22.33
N LYS B 115 -7.66 23.46 22.54
CA LYS B 115 -8.24 24.73 22.97
C LYS B 115 -9.28 25.22 21.96
N LEU B 116 -8.92 25.15 20.67
CA LEU B 116 -9.82 25.58 19.61
C LEU B 116 -11.11 24.76 19.63
N VAL B 117 -10.95 23.47 19.82
CA VAL B 117 -12.09 22.58 19.92
C VAL B 117 -12.92 22.94 21.14
N ASP B 118 -12.24 23.05 22.29
CA ASP B 118 -12.91 23.38 23.56
C ASP B 118 -13.62 24.72 23.62
N ASP B 119 -13.14 25.69 22.86
CA ASP B 119 -13.76 27.03 22.85
C ASP B 119 -15.11 27.12 22.11
N LEU B 120 -15.44 26.12 21.33
CA LEU B 120 -16.69 26.09 20.59
C LEU B 120 -17.90 26.42 21.50
N PRO B 121 -18.72 27.42 21.13
CA PRO B 121 -19.91 27.79 21.94
C PRO B 121 -20.86 26.65 22.25
N GLU B 122 -21.62 26.84 23.34
CA GLU B 122 -22.47 25.79 23.93
C GLU B 122 -23.46 25.07 22.99
N SER B 123 -24.12 25.81 22.10
CA SER B 123 -25.12 25.18 21.22
C SER B 123 -24.56 24.45 19.98
N PHE B 124 -23.24 24.45 19.81
CA PHE B 124 -22.60 23.82 18.66
C PHE B 124 -22.00 22.49 19.04
N ASP B 125 -22.44 21.43 18.37
CA ASP B 125 -22.06 20.05 18.69
C ASP B 125 -21.13 19.45 17.64
N LYS B 127 -19.12 16.36 16.06
CA LYS B 127 -19.28 14.92 15.89
C LYS B 127 -18.46 14.34 14.76
N LEU B 128 -18.02 13.08 14.91
CA LEU B 128 -17.36 12.36 13.84
C LEU B 128 -18.42 11.97 12.86
N ILE B 129 -18.05 12.01 11.60
CA ILE B 129 -18.95 11.65 10.52
C ILE B 129 -19.11 10.14 10.59
N ASP B 130 -20.35 9.71 10.78
CA ASP B 130 -20.70 8.30 10.84
C ASP B 130 -21.57 7.99 9.62
N ARG B 131 -22.11 6.76 9.58
CA ARG B 131 -22.94 6.33 8.45
C ARG B 131 -24.02 7.34 8.07
N ASN B 132 -24.77 7.83 9.05
CA ASN B 132 -25.85 8.76 8.77
C ASN B 132 -25.40 10.15 8.35
N LEU B 133 -24.41 10.67 9.07
CA LEU B 133 -23.86 11.99 8.74
C LEU B 133 -23.15 11.96 7.39
N TYR B 134 -22.60 10.82 6.97
CA TYR B 134 -22.06 10.73 5.60
C TYR B 134 -23.15 11.17 4.61
N GLU B 135 -24.32 10.55 4.72
CA GLU B 135 -25.42 10.85 3.78
C GLU B 135 -25.86 12.28 3.94
N THR B 136 -25.87 12.79 5.17
CA THR B 136 -26.21 14.19 5.39
C THR B 136 -25.31 15.15 4.66
N CYS B 137 -24.00 14.86 4.62
CA CYS B 137 -23.03 15.73 3.97
C CYS B 137 -23.28 15.71 2.48
N LEU B 138 -23.95 14.68 1.97
CA LEU B 138 -24.26 14.62 0.52
C LEU B 138 -25.52 15.39 0.13
N VAL B 139 -26.37 15.73 1.10
CA VAL B 139 -27.63 16.43 0.81
C VAL B 139 -27.45 17.82 0.18
N GLU B 140 -26.67 18.70 0.82
CA GLU B 140 -26.45 20.03 0.30
C GLU B 140 -25.12 20.08 -0.44
N GLU B 141 -25.05 20.95 -1.44
CA GLU B 141 -23.86 21.07 -2.26
C GLU B 141 -22.64 21.58 -1.50
N TRP B 142 -22.86 22.45 -0.51
CA TRP B 142 -21.76 23.09 0.20
C TRP B 142 -20.88 22.09 0.95
N SER B 143 -21.49 21.01 1.41
CA SER B 143 -20.81 19.98 2.21
C SER B 143 -20.39 18.73 1.46
N ARG B 144 -20.75 18.61 0.17
CA ARG B 144 -20.48 17.37 -0.56
C ARG B 144 -19.06 16.89 -0.68
N ASP B 145 -18.10 17.79 -0.78
CA ASP B 145 -16.70 17.38 -0.94
C ASP B 145 -16.12 16.80 0.32
N LEU B 146 -16.79 16.98 1.45
CA LEU B 146 -16.32 16.37 2.67
C LEU B 146 -16.31 14.82 2.61
N VAL B 147 -17.25 14.25 1.84
CA VAL B 147 -17.38 12.80 1.69
C VAL B 147 -17.61 12.29 0.26
N GLY B 148 -17.89 13.20 -0.67
CA GLY B 148 -18.32 12.86 -2.01
C GLY B 148 -17.34 12.22 -2.95
N ASN B 149 -16.07 12.18 -2.58
CA ASN B 149 -15.07 11.51 -3.43
C ASN B 149 -14.95 10.02 -3.17
N TYR B 150 -15.65 9.54 -2.14
CA TYR B 150 -15.66 8.14 -1.79
C TYR B 150 -16.79 7.48 -2.58
N ILE B 151 -16.57 6.23 -2.98
CA ILE B 151 -17.50 5.51 -3.88
C ILE B 151 -18.83 5.39 -3.22
N ASP B 152 -18.82 5.06 -1.93
CA ASP B 152 -20.05 4.94 -1.18
C ASP B 152 -19.71 5.11 0.29
N VAL B 153 -20.74 5.02 1.13
CA VAL B 153 -20.56 5.20 2.57
C VAL B 153 -19.57 4.22 3.19
N GLU B 154 -19.53 2.99 2.64
CA GLU B 154 -18.69 1.95 3.20
C GLU B 154 -17.21 2.27 2.95
N GLN B 155 -16.91 2.78 1.75
CA GLN B 155 -15.54 3.17 1.46
C GLN B 155 -15.16 4.39 2.33
N PHE B 156 -16.11 5.30 2.57
CA PHE B 156 -15.80 6.43 3.45
C PHE B 156 -15.53 5.98 4.88
N LEU B 157 -16.39 5.13 5.40
CA LEU B 157 -16.22 4.63 6.78
C LEU B 157 -14.92 3.82 6.91
N ASP B 158 -14.59 3.08 5.87
CA ASP B 158 -13.39 2.29 5.87
C ASP B 158 -12.12 3.13 5.75
N LEU B 159 -12.09 4.02 4.76
CA LEU B 159 -10.88 4.76 4.46
C LEU B 159 -10.86 6.28 4.79
N GLY B 160 -12.02 6.88 4.98
CA GLY B 160 -12.14 8.31 5.26
C GLY B 160 -12.23 8.64 6.72
N LEU B 161 -12.16 9.92 7.04
CA LEU B 161 -12.30 10.38 8.40
C LEU B 161 -12.74 11.82 8.32
N GLY B 162 -13.76 12.18 9.09
CA GLY B 162 -14.22 13.55 9.17
C GLY B 162 -14.97 13.91 10.42
N CYS B 163 -15.23 15.20 10.58
N CYS B 163 -15.16 15.21 10.59
CA CYS B 163 -15.98 15.67 11.72
CA CYS B 163 -15.87 15.79 11.71
C CYS B 163 -16.73 16.95 11.38
C CYS B 163 -16.84 16.83 11.17
N VAL B 164 -17.97 17.00 11.85
CA VAL B 164 -18.91 18.04 11.52
C VAL B 164 -19.42 18.67 12.79
N ILE B 165 -19.86 19.91 12.65
CA ILE B 165 -20.49 20.67 13.72
C ILE B 165 -21.96 20.74 13.37
N LEU B 166 -22.78 20.44 14.35
CA LEU B 166 -24.21 20.60 14.22
C LEU B 166 -24.69 21.73 15.09
N HIS B 167 -25.67 22.45 14.60
CA HIS B 167 -26.32 23.53 15.31
C HIS B 167 -27.82 23.41 15.04
N LYS B 168 -28.58 23.28 16.11
CA LYS B 168 -30.01 23.17 16.02
C LYS B 168 -30.44 22.03 15.07
N GLY B 169 -29.73 20.91 15.14
CA GLY B 169 -30.03 19.70 14.37
C GLY B 169 -29.60 19.73 12.92
N GLN B 170 -28.75 20.68 12.55
CA GLN B 170 -28.29 20.76 11.17
C GLN B 170 -26.78 20.84 11.16
N VAL B 171 -26.18 20.18 10.18
CA VAL B 171 -24.75 20.23 9.97
C VAL B 171 -24.44 21.59 9.38
N VAL B 172 -23.54 22.33 10.00
CA VAL B 172 -23.26 23.70 9.52
C VAL B 172 -21.80 23.97 9.19
N SER B 173 -20.91 23.01 9.48
CA SER B 173 -19.50 23.14 9.17
C SER B 173 -18.93 21.76 9.29
N GLY B 174 -17.85 21.54 8.54
CA GLY B 174 -17.15 20.25 8.52
C GLY B 174 -15.71 20.30 8.08
N ALA B 175 -14.93 19.32 8.54
CA ALA B 175 -13.54 19.08 8.11
C ALA B 175 -13.46 17.60 7.88
N SER B 176 -12.99 17.16 6.72
CA SER B 176 -12.98 15.73 6.45
C SER B 176 -11.96 15.38 5.35
N SER B 177 -11.80 14.10 5.16
CA SER B 177 -10.91 13.60 4.17
C SER B 177 -11.47 13.79 2.77
N TYR B 178 -10.89 14.73 2.06
CA TYR B 178 -11.17 14.90 0.63
C TYR B 178 -10.64 13.67 -0.13
N ALA B 179 -9.51 13.18 0.36
CA ALA B 179 -8.85 11.97 -0.09
C ALA B 179 -8.09 11.38 1.12
N SER B 180 -7.75 10.12 0.93
CA SER B 180 -7.04 9.25 1.85
C SER B 180 -5.91 8.55 1.15
N TYR B 181 -4.83 8.32 1.86
CA TYR B 181 -3.72 7.51 1.38
C TYR B 181 -3.33 6.61 2.53
N SER B 182 -2.34 5.77 2.32
CA SER B 182 -1.92 4.76 3.28
C SER B 182 -1.60 5.31 4.67
N ALA B 183 -1.07 6.53 4.75
CA ALA B 183 -0.64 7.06 6.04
C ALA B 183 -1.28 8.37 6.43
N GLY B 184 -2.33 8.76 5.73
CA GLY B 184 -2.93 10.02 6.00
C GLY B 184 -4.15 10.36 5.19
N ILE B 185 -4.52 11.63 5.28
CA ILE B 185 -5.67 12.16 4.56
C ILE B 185 -5.34 13.54 4.08
N GLU B 186 -6.03 13.94 3.01
CA GLU B 186 -5.95 15.27 2.47
C GLU B 186 -7.19 16.03 2.97
N ILE B 187 -6.97 17.12 3.66
CA ILE B 187 -8.12 17.78 4.27
C ILE B 187 -8.92 18.77 3.43
N GLU B 188 -10.26 18.64 3.55
CA GLU B 188 -11.22 19.57 3.02
C GLU B 188 -12.01 20.16 4.20
N VAL B 189 -12.21 21.47 4.22
CA VAL B 189 -13.10 22.12 5.21
C VAL B 189 -14.14 22.99 4.50
N ASP B 190 -15.31 23.07 5.10
CA ASP B 190 -16.46 23.81 4.59
C ASP B 190 -17.36 24.30 5.71
N THR B 191 -17.94 25.46 5.48
CA THR B 191 -18.89 26.06 6.40
C THR B 191 -20.07 26.57 5.57
N ARG B 192 -21.26 26.39 6.09
CA ARG B 192 -22.46 26.82 5.41
C ARG B 192 -22.47 28.35 5.36
N GLU B 193 -23.04 28.90 4.29
CA GLU B 193 -23.12 30.36 4.05
C GLU B 193 -23.55 31.26 5.20
N ASP B 194 -24.46 30.75 6.00
CA ASP B 194 -25.08 31.46 7.14
C ASP B 194 -24.40 31.24 8.48
N TYR B 195 -23.28 30.54 8.48
CA TYR B 195 -22.52 30.30 9.68
C TYR B 195 -21.04 30.75 9.58
N ARG B 196 -20.79 31.80 8.78
N ARG B 196 -20.77 31.76 8.74
CA ARG B 196 -19.45 32.35 8.63
CA ARG B 196 -19.42 32.31 8.62
C ARG B 196 -19.15 33.29 9.80
C ARG B 196 -19.15 33.29 9.77
N GLY B 197 -17.86 33.50 10.04
CA GLY B 197 -17.41 34.43 11.08
C GLY B 197 -17.39 33.89 12.49
N LEU B 198 -17.64 32.60 12.65
CA LEU B 198 -17.73 31.99 13.98
C LEU B 198 -16.56 31.05 14.29
N GLY B 199 -15.59 30.96 13.39
CA GLY B 199 -14.46 30.05 13.59
C GLY B 199 -14.79 28.55 13.59
N LEU B 200 -15.90 28.18 12.97
CA LEU B 200 -16.35 26.81 12.91
C LEU B 200 -15.45 25.87 12.15
N ALA B 201 -15.07 26.24 10.93
CA ALA B 201 -14.18 25.36 10.14
C ALA B 201 -12.78 25.14 10.80
N LYS B 202 -12.27 26.18 11.49
CA LYS B 202 -11.03 26.07 12.26
C LYS B 202 -11.17 25.06 13.40
N ALA B 203 -12.28 25.12 14.10
CA ALA B 203 -12.57 24.18 15.17
C ALA B 203 -12.70 22.73 14.64
N CYS B 204 -13.41 22.53 13.52
CA CYS B 204 -13.53 21.22 12.94
C CYS B 204 -12.18 20.66 12.56
N ALA B 205 -11.37 21.51 11.90
CA ALA B 205 -10.04 21.16 11.41
C ALA B 205 -9.18 20.78 12.60
N ALA B 206 -9.22 21.61 13.64
CA ALA B 206 -8.48 21.28 14.85
C ALA B 206 -8.87 19.85 15.26
N GLN B 207 -10.16 19.55 15.33
CA GLN B 207 -10.60 18.26 15.78
C GLN B 207 -10.17 17.09 14.85
N LEU B 208 -10.19 17.35 13.55
CA LEU B 208 -9.84 16.32 12.61
C LEU B 208 -8.35 16.01 12.70
N ILE B 209 -7.53 17.04 12.87
CA ILE B 209 -6.08 16.89 13.01
C ILE B 209 -5.83 16.00 14.23
N LEU B 210 -6.47 16.30 15.33
CA LEU B 210 -6.32 15.50 16.58
C LEU B 210 -6.76 14.04 16.40
N ALA B 211 -7.90 13.83 15.72
CA ALA B 211 -8.37 12.49 15.40
C ALA B 211 -7.39 11.75 14.49
N CYS B 212 -6.80 12.44 13.54
CA CYS B 212 -5.75 11.82 12.68
C CYS B 212 -4.53 11.38 13.49
N LEU B 213 -4.02 12.30 14.30
CA LEU B 213 -2.90 12.02 15.13
C LEU B 213 -3.18 10.87 16.09
N ASP B 214 -4.36 10.87 16.72
CA ASP B 214 -4.80 9.80 17.62
C ASP B 214 -4.74 8.42 16.93
N ARG B 215 -4.97 8.40 15.61
CA ARG B 215 -4.93 7.20 14.79
C ARG B 215 -3.61 7.03 14.03
N GLY B 216 -2.62 7.86 14.31
CA GLY B 216 -1.32 7.76 13.63
C GLY B 216 -1.34 8.14 12.14
N LEU B 217 -2.31 8.96 11.75
CA LEU B 217 -2.41 9.41 10.36
C LEU B 217 -1.90 10.83 10.25
N TYR B 218 -1.31 11.17 9.09
CA TYR B 218 -0.90 12.53 8.86
C TYR B 218 -2.03 13.33 8.23
N PRO B 219 -2.44 14.45 8.85
CA PRO B 219 -3.44 15.33 8.27
C PRO B 219 -2.82 16.36 7.34
N SER B 220 -2.98 16.16 6.04
CA SER B 220 -2.43 17.09 5.05
C SER B 220 -3.31 18.29 4.69
N TRP B 221 -2.66 19.43 4.49
CA TRP B 221 -3.32 20.67 4.08
C TRP B 221 -2.66 21.18 2.79
N ASP B 222 -3.47 21.48 1.78
CA ASP B 222 -2.99 22.07 0.53
C ASP B 222 -4.01 23.18 0.22
N ALA B 223 -3.54 24.43 0.27
CA ALA B 223 -4.40 25.60 0.23
C ALA B 223 -4.77 26.07 -1.17
N HIS B 224 -6.08 26.26 -1.39
CA HIS B 224 -6.64 26.74 -2.65
C HIS B 224 -6.49 28.25 -2.78
N THR B 225 -6.34 28.92 -1.65
CA THR B 225 -6.27 30.36 -1.62
C THR B 225 -5.39 30.80 -0.47
N LEU B 226 -5.03 32.09 -0.51
CA LEU B 226 -4.26 32.69 0.56
C LEU B 226 -5.00 32.65 1.88
N THR B 227 -6.29 32.91 1.84
CA THR B 227 -7.10 32.82 3.04
C THR B 227 -7.01 31.42 3.64
N SER B 228 -7.00 30.42 2.78
CA SER B 228 -6.91 29.04 3.23
C SER B 228 -5.53 28.80 3.83
N LEU B 229 -4.48 29.33 3.21
CA LEU B 229 -3.13 29.20 3.78
C LEU B 229 -3.07 29.84 5.17
N LYS B 230 -3.62 31.06 5.30
CA LYS B 230 -3.69 31.74 6.61
C LYS B 230 -4.34 30.86 7.69
N LEU B 231 -5.46 30.22 7.35
CA LEU B 231 -6.07 29.29 8.31
C LEU B 231 -5.15 28.09 8.66
N ALA B 232 -4.50 27.53 7.65
CA ALA B 232 -3.58 26.40 7.87
C ALA B 232 -2.47 26.84 8.82
N GLU B 233 -1.94 28.02 8.59
CA GLU B 233 -0.92 28.54 9.47
C GLU B 233 -1.40 28.61 10.91
N LYS B 234 -2.63 29.07 11.13
CA LYS B 234 -3.20 29.11 12.50
C LYS B 234 -3.32 27.71 13.14
N LEU B 235 -3.43 26.68 12.29
CA LEU B 235 -3.51 25.30 12.73
C LEU B 235 -2.12 24.65 12.93
N GLY B 236 -1.06 25.35 12.52
CA GLY B 236 0.29 24.86 12.77
C GLY B 236 1.06 24.48 11.54
N TYR B 237 0.41 24.55 10.37
CA TYR B 237 1.07 24.24 9.12
C TYR B 237 1.98 25.37 8.67
N GLU B 238 3.08 25.03 8.00
N GLU B 238 3.06 25.01 7.98
CA GLU B 238 3.94 26.07 7.41
CA GLU B 238 4.01 25.97 7.41
C GLU B 238 3.96 25.94 5.90
C GLU B 238 3.92 25.93 5.89
N LEU B 239 3.97 27.09 5.24
CA LEU B 239 4.03 27.13 3.78
C LEU B 239 5.29 26.39 3.29
N ASP B 240 5.11 25.61 2.23
CA ASP B 240 6.19 24.96 1.53
C ASP B 240 6.45 25.92 0.36
N LYS B 241 5.54 25.97 -0.60
CA LYS B 241 5.70 26.89 -1.73
C LYS B 241 4.39 27.14 -2.48
N ALA B 242 4.29 28.32 -3.09
CA ALA B 242 3.19 28.69 -3.94
C ALA B 242 3.38 27.93 -5.23
N TYR B 243 2.32 27.43 -5.87
CA TYR B 243 2.52 26.68 -7.13
C TYR B 243 1.45 26.96 -8.18
N GLN B 244 1.78 26.72 -9.44
CA GLN B 244 0.89 27.01 -10.56
C GLN B 244 -0.26 26.00 -10.63
N ALA B 245 -1.47 26.48 -10.90
CA ALA B 245 -2.64 25.64 -11.08
C ALA B 245 -3.51 26.30 -12.12
N TYR B 246 -4.42 25.51 -12.69
CA TYR B 246 -5.35 25.99 -13.68
C TYR B 246 -6.74 25.38 -13.49
N GLU B 247 -7.74 26.08 -14.02
CA GLU B 247 -9.13 25.67 -14.04
C GLU B 247 -9.68 25.98 -15.41
N TRP B 248 -10.72 25.25 -15.86
CA TRP B 248 -11.33 25.60 -17.14
C TRP B 248 -12.08 26.90 -16.97
N ARG B 249 -12.04 27.73 -18.02
CA ARG B 249 -12.76 29.00 -18.01
C ARG B 249 -14.20 28.67 -18.37
#